data_6DQX
#
_entry.id   6DQX
#
_cell.length_a   97.984
_cell.length_b   97.984
_cell.length_c   132.005
_cell.angle_alpha   90.000
_cell.angle_beta   90.000
_cell.angle_gamma   90.000
#
_symmetry.space_group_name_H-M   'P 42 21 2'
#
loop_
_entity.id
_entity.type
_entity.pdbx_description
1 polymer 'Ribonucleoside-diphosphate reductase, alpha chain'
2 non-polymer 'CHLORIDE ION'
3 non-polymer 'MAGNESIUM ION'
4 non-polymer 1,2-ETHANEDIOL
5 non-polymer GLYCEROL
6 water water
#
_entity_poly.entity_id   1
_entity_poly.type   'polypeptide(L)'
_entity_poly.pdbx_seq_one_letter_code
;MGSSHHHHHHSSGLVPRGSHMTYSNTRPDFEWLNEDSRLFLQRGYLLEGTTALERIRFIAEHAEHKLGIEGYADKFYHYM
ARGYFSLSSPIWSNFGLDRGLPISCFGSYIGDSIHEIMVTTAEVGMMSKIGGGTSAYFGDIRPRGSAIKNNGKSDGSFNF
SKLFDTVIDVISQGTSRKGQFAGYIDIEHGDIDEWLDIHTEGNPIQLMYYGVCVGHDWLESMKAGDPYKRQLWAKLLQRK
TETGIPYLFFKDNANAGRPDVYKDKNMTVHASNLCTEIMLPSSNDESFVCCLSSMNLLYFDEWKDTEAPEVLTYFLDVVM
SEFIEKSKDMPFLDRAHRFATRHRALGLGVLGWHSYLQANNIAFDSFQAMQKNNLIFKTLQEKTLKASQELAKRFGEPEI
LKGYGRRNTTLMSIAPTKSSSFILGSVSPSVEPFKSNYYVKDLAKIKTVYKNPFLEKLLQEKGLDTEEIWESILHNDGSV
QHLEQLTDEEKEVFKTFSEISQLSVIQQAAQRQKYIDQGQSINIMVHPATPARDLNQLYLTAEELGLKSIYYQYSMSAAQ
VFNRNLLSCSSCEG
;
_entity_poly.pdbx_strand_id   A
#
loop_
_chem_comp.id
_chem_comp.type
_chem_comp.name
_chem_comp.formula
CL non-polymer 'CHLORIDE ION' 'Cl -1'
EDO non-polymer 1,2-ETHANEDIOL 'C2 H6 O2'
GOL non-polymer GLYCEROL 'C3 H8 O3'
MG non-polymer 'MAGNESIUM ION' 'Mg 2'
#
# COMPACT_ATOMS: atom_id res chain seq x y z
N THR A 26 19.99 -24.09 -8.24
CA THR A 26 20.93 -23.82 -7.10
C THR A 26 20.20 -23.45 -5.78
N ARG A 27 19.31 -22.45 -5.83
CA ARG A 27 18.58 -22.02 -4.63
C ARG A 27 17.60 -23.12 -4.23
N PRO A 28 17.67 -23.60 -2.96
CA PRO A 28 16.71 -24.63 -2.56
C PRO A 28 15.28 -24.10 -2.50
N ASP A 29 14.32 -25.01 -2.72
CA ASP A 29 12.92 -24.72 -2.45
C ASP A 29 12.77 -24.25 -1.00
N PHE A 30 11.96 -23.20 -0.82
CA PHE A 30 11.66 -22.61 0.49
C PHE A 30 12.86 -22.09 1.24
N GLU A 31 13.87 -21.61 0.51
CA GLU A 31 15.01 -20.99 1.18
C GLU A 31 14.57 -19.83 2.05
N TRP A 32 13.60 -19.06 1.56
CA TRP A 32 12.99 -17.95 2.28
C TRP A 32 12.39 -18.29 3.63
N LEU A 33 11.87 -19.50 3.74
CA LEU A 33 11.24 -20.00 4.95
C LEU A 33 12.31 -20.52 5.90
N ASN A 34 13.10 -19.59 6.43
CA ASN A 34 14.16 -19.93 7.36
C ASN A 34 13.59 -19.88 8.78
N GLU A 35 14.45 -20.03 9.79
CA GLU A 35 13.98 -20.15 11.15
C GLU A 35 13.30 -18.83 11.61
N ASP A 36 13.83 -17.68 11.20
CA ASP A 36 13.22 -16.38 11.50
C ASP A 36 11.79 -16.31 10.98
N SER A 37 11.61 -16.69 9.72
CA SER A 37 10.28 -16.65 9.09
C SER A 37 9.32 -17.64 9.72
N ARG A 38 9.77 -18.86 9.99
CA ARG A 38 8.91 -19.83 10.66
C ARG A 38 8.43 -19.33 12.00
N LEU A 39 9.35 -18.78 12.81
CA LEU A 39 9.00 -18.23 14.13
C LEU A 39 8.01 -17.09 14.02
N PHE A 40 8.29 -16.18 13.11
CA PHE A 40 7.40 -15.04 12.87
C PHE A 40 6.00 -15.52 12.53
N LEU A 41 5.90 -16.47 11.61
CA LEU A 41 4.60 -17.01 11.19
C LEU A 41 3.87 -17.75 12.33
N GLN A 42 4.61 -18.57 13.07
CA GLN A 42 4.03 -19.29 14.23
C GLN A 42 3.46 -18.33 15.25
N ARG A 43 4.20 -17.27 15.55
CA ARG A 43 3.83 -16.33 16.59
C ARG A 43 2.71 -15.40 16.18
N GLY A 44 2.61 -15.10 14.88
CA GLY A 44 1.64 -14.14 14.36
C GLY A 44 0.38 -14.73 13.73
N TYR A 45 0.54 -15.66 12.81
CA TYR A 45 -0.53 -16.01 11.85
C TYR A 45 -1.07 -17.42 11.91
N LEU A 46 -0.26 -18.39 12.31
CA LEU A 46 -0.65 -19.80 12.23
C LEU A 46 -1.35 -20.24 13.51
N LEU A 47 -2.38 -21.04 13.35
CA LEU A 47 -3.01 -21.68 14.51
C LEU A 47 -2.05 -22.68 15.14
N GLU A 48 -2.06 -22.76 16.48
CA GLU A 48 -1.27 -23.74 17.21
C GLU A 48 -1.47 -25.10 16.55
N GLY A 49 -0.37 -25.79 16.32
CA GLY A 49 -0.41 -27.10 15.67
C GLY A 49 -0.53 -27.13 14.16
N THR A 50 -0.34 -26.00 13.48
CA THR A 50 -0.22 -25.96 12.00
C THR A 50 1.17 -25.39 11.69
N THR A 51 1.98 -26.09 10.89
CA THR A 51 3.29 -25.59 10.48
C THR A 51 3.12 -24.66 9.27
N ALA A 52 4.14 -23.84 9.02
CA ALA A 52 4.17 -22.96 7.82
C ALA A 52 4.01 -23.74 6.51
N LEU A 53 4.76 -24.83 6.34
CA LEU A 53 4.66 -25.61 5.10
C LEU A 53 3.29 -26.23 4.95
N GLU A 54 2.74 -26.77 6.04
CA GLU A 54 1.40 -27.35 6.01
C GLU A 54 0.35 -26.33 5.58
N ARG A 55 0.48 -25.14 6.13
CA ARG A 55 -0.42 -24.04 5.78
C ARG A 55 -0.33 -23.70 4.28
N ILE A 56 0.88 -23.67 3.73
CA ILE A 56 1.06 -23.32 2.30
C ILE A 56 0.40 -24.35 1.41
N ARG A 57 0.64 -25.64 1.72
CA ARG A 57 -0.03 -26.69 1.00
C ARG A 57 -1.55 -26.59 1.08
N PHE A 58 -2.10 -26.36 2.26
CA PHE A 58 -3.54 -26.22 2.43
C PHE A 58 -4.08 -25.07 1.58
N ILE A 59 -3.39 -23.94 1.60
CA ILE A 59 -3.82 -22.76 0.82
C ILE A 59 -3.86 -23.08 -0.68
N ALA A 60 -2.78 -23.72 -1.17
CA ALA A 60 -2.68 -24.12 -2.58
C ALA A 60 -3.80 -25.08 -2.98
N GLU A 61 -4.04 -26.10 -2.15
CA GLU A 61 -5.07 -27.09 -2.46
C GLU A 61 -6.47 -26.50 -2.36
N HIS A 62 -6.68 -25.62 -1.39
CA HIS A 62 -7.99 -25.01 -1.22
C HIS A 62 -8.32 -24.13 -2.42
N ALA A 63 -7.32 -23.37 -2.86
CA ALA A 63 -7.47 -22.55 -4.07
C ALA A 63 -7.78 -23.40 -5.32
N GLU A 64 -7.03 -24.49 -5.52
CA GLU A 64 -7.33 -25.40 -6.63
C GLU A 64 -8.76 -25.90 -6.56
N HIS A 65 -9.19 -26.31 -5.38
CA HIS A 65 -10.53 -26.83 -5.22
C HIS A 65 -11.59 -25.80 -5.61
N LYS A 66 -11.43 -24.56 -5.16
CA LYS A 66 -12.37 -23.49 -5.49
C LYS A 66 -12.34 -23.04 -6.95
N LEU A 67 -11.16 -23.09 -7.57
CA LEU A 67 -11.05 -22.76 -9.00
C LEU A 67 -11.57 -23.87 -9.90
N GLY A 68 -11.52 -25.12 -9.42
CA GLY A 68 -11.83 -26.29 -10.26
C GLY A 68 -10.85 -26.52 -11.38
N ILE A 69 -9.58 -26.13 -11.18
CA ILE A 69 -8.56 -26.22 -12.23
C ILE A 69 -7.52 -27.27 -11.86
N GLU A 70 -7.47 -28.36 -12.61
CA GLU A 70 -6.49 -29.42 -12.35
C GLU A 70 -5.04 -28.91 -12.48
N GLY A 71 -4.20 -29.31 -11.55
CA GLY A 71 -2.79 -28.93 -11.55
C GLY A 71 -2.49 -27.56 -10.95
N TYR A 72 -3.52 -26.81 -10.60
CA TYR A 72 -3.32 -25.46 -10.09
C TYR A 72 -2.48 -25.43 -8.80
N ALA A 73 -2.84 -26.28 -7.83
CA ALA A 73 -2.16 -26.31 -6.52
C ALA A 73 -0.67 -26.51 -6.65
N ASP A 74 -0.24 -27.46 -7.48
CA ASP A 74 1.19 -27.72 -7.66
C ASP A 74 1.91 -26.54 -8.32
N LYS A 75 1.23 -25.85 -9.22
CA LYS A 75 1.79 -24.62 -9.83
C LYS A 75 1.95 -23.54 -8.78
N PHE A 76 0.87 -23.26 -8.04
CA PHE A 76 0.93 -22.28 -6.96
C PHE A 76 2.00 -22.65 -5.92
N TYR A 77 2.04 -23.93 -5.51
CA TYR A 77 3.02 -24.41 -4.55
C TYR A 77 4.46 -24.21 -5.06
N HIS A 78 4.69 -24.52 -6.34
CA HIS A 78 6.00 -24.33 -6.96
C HIS A 78 6.46 -22.89 -6.89
N TYR A 79 5.58 -21.97 -7.28
CA TYR A 79 5.95 -20.57 -7.21
C TYR A 79 6.20 -20.08 -5.78
N MET A 80 5.39 -20.56 -4.83
CA MET A 80 5.70 -20.31 -3.42
C MET A 80 7.09 -20.81 -3.06
N ALA A 81 7.37 -22.06 -3.45
CA ALA A 81 8.67 -22.70 -3.21
C ALA A 81 9.86 -21.92 -3.74
N ARG A 82 9.71 -21.30 -4.92
CA ARG A 82 10.78 -20.50 -5.51
C ARG A 82 10.94 -19.10 -4.93
N GLY A 83 10.01 -18.67 -4.05
CA GLY A 83 10.11 -17.37 -3.41
C GLY A 83 9.52 -16.23 -4.27
N TYR A 84 8.64 -16.57 -5.22
CA TYR A 84 8.08 -15.56 -6.13
C TYR A 84 6.91 -14.78 -5.55
N PHE A 85 6.21 -15.34 -4.56
CA PHE A 85 4.94 -14.83 -4.00
C PHE A 85 5.05 -14.49 -2.54
N SER A 86 4.51 -13.35 -2.17
CA SER A 86 4.20 -13.05 -0.77
C SER A 86 2.68 -12.99 -0.68
N LEU A 87 2.12 -13.56 0.39
CA LEU A 87 0.68 -13.54 0.64
C LEU A 87 0.41 -12.59 1.79
N SER A 88 -0.76 -11.96 1.76
CA SER A 88 -1.12 -10.98 2.77
C SER A 88 -1.35 -11.67 4.12
N SER A 89 -1.22 -10.90 5.19
CA SER A 89 -1.45 -11.48 6.52
C SER A 89 -2.88 -11.98 6.75
N PRO A 90 -3.92 -11.27 6.23
CA PRO A 90 -5.26 -11.88 6.32
C PRO A 90 -5.41 -13.21 5.58
N ILE A 91 -4.72 -13.39 4.45
CA ILE A 91 -4.75 -14.65 3.73
C ILE A 91 -4.04 -15.75 4.54
N TRP A 92 -2.84 -15.45 5.02
CA TRP A 92 -2.09 -16.39 5.89
C TRP A 92 -2.96 -16.78 7.08
N SER A 93 -3.62 -15.78 7.66
CA SER A 93 -4.39 -16.02 8.90
C SER A 93 -5.69 -16.79 8.69
N ASN A 94 -6.43 -16.45 7.64
CA ASN A 94 -7.84 -16.79 7.51
C ASN A 94 -8.27 -17.54 6.26
N PHE A 95 -7.48 -17.51 5.18
CA PHE A 95 -7.95 -18.12 3.93
C PHE A 95 -8.23 -19.62 4.06
N GLY A 96 -9.40 -20.05 3.60
CA GLY A 96 -9.81 -21.44 3.72
C GLY A 96 -10.23 -21.88 5.12
N LEU A 97 -10.21 -20.98 6.10
CA LEU A 97 -10.60 -21.28 7.48
C LEU A 97 -11.91 -20.57 7.86
N ASP A 98 -12.53 -20.99 8.96
CA ASP A 98 -13.76 -20.33 9.43
C ASP A 98 -13.56 -18.90 9.93
N ARG A 99 -12.47 -18.67 10.66
CA ARG A 99 -12.24 -17.39 11.30
C ARG A 99 -11.99 -16.26 10.31
N GLY A 100 -12.33 -15.03 10.73
CA GLY A 100 -11.90 -13.81 10.05
C GLY A 100 -12.33 -13.65 8.60
N LEU A 101 -11.61 -12.75 7.94
CA LEU A 101 -11.84 -12.46 6.53
C LEU A 101 -10.46 -12.29 5.86
N PRO A 102 -10.38 -12.56 4.56
CA PRO A 102 -9.09 -12.48 3.85
C PRO A 102 -8.82 -11.13 3.15
N ILE A 103 -9.62 -10.09 3.41
CA ILE A 103 -9.48 -8.77 2.78
C ILE A 103 -8.48 -7.89 3.55
N SER A 104 -7.86 -6.94 2.85
CA SER A 104 -6.81 -6.03 3.41
C SER A 104 -7.19 -4.54 3.45
N CYS A 105 -8.41 -4.21 3.05
CA CYS A 105 -8.92 -2.86 3.23
C CYS A 105 -10.46 -2.90 3.32
N PHE A 106 -11.01 -1.81 3.84
CA PHE A 106 -12.45 -1.64 3.99
C PHE A 106 -12.69 -0.12 4.04
N GLY A 107 -13.33 0.40 3.00
CA GLY A 107 -13.49 1.84 2.84
C GLY A 107 -14.93 2.26 2.71
N SER A 108 -15.40 3.06 3.67
CA SER A 108 -16.80 3.46 3.73
C SER A 108 -17.01 4.92 3.34
N TYR A 109 -18.17 5.18 2.74
CA TYR A 109 -18.64 6.51 2.46
C TYR A 109 -19.63 6.87 3.58
N ILE A 110 -19.41 8.00 4.24
CA ILE A 110 -20.32 8.45 5.33
C ILE A 110 -21.33 9.46 4.79
N GLY A 111 -22.58 9.04 4.59
CA GLY A 111 -23.62 9.97 4.17
C GLY A 111 -23.95 10.96 5.27
N ASP A 112 -24.50 12.11 4.87
CA ASP A 112 -24.75 13.23 5.79
C ASP A 112 -26.03 13.00 6.62
N SER A 113 -26.04 11.97 7.45
CA SER A 113 -27.21 11.65 8.29
C SER A 113 -26.75 10.80 9.45
N ILE A 114 -27.45 10.90 10.59
CA ILE A 114 -27.13 10.01 11.70
C ILE A 114 -27.28 8.54 11.30
N HIS A 115 -28.31 8.20 10.55
CA HIS A 115 -28.49 6.82 10.11
C HIS A 115 -27.23 6.30 9.42
N GLU A 116 -26.74 7.06 8.46
CA GLU A 116 -25.58 6.65 7.65
C GLU A 116 -24.28 6.69 8.47
N ILE A 117 -24.19 7.61 9.42
CA ILE A 117 -23.08 7.62 10.38
C ILE A 117 -23.10 6.35 11.25
N MET A 118 -24.28 5.92 11.72
CA MET A 118 -24.33 4.67 12.49
C MET A 118 -24.04 3.41 11.67
N VAL A 119 -24.47 3.39 10.41
CA VAL A 119 -24.12 2.27 9.51
C VAL A 119 -22.60 2.12 9.42
N THR A 120 -21.91 3.23 9.21
CA THR A 120 -20.45 3.23 9.13
C THR A 120 -19.79 2.88 10.46
N THR A 121 -20.36 3.36 11.57
CA THR A 121 -19.87 3.02 12.90
C THR A 121 -19.87 1.51 13.15
N ALA A 122 -20.98 0.87 12.81
CA ALA A 122 -21.11 -0.56 13.00
C ALA A 122 -20.17 -1.33 12.05
N GLU A 123 -19.97 -0.85 10.82
CA GLU A 123 -18.97 -1.47 9.89
C GLU A 123 -17.61 -1.48 10.49
N VAL A 124 -17.17 -0.29 10.92
CA VAL A 124 -15.86 -0.12 11.54
C VAL A 124 -15.70 -0.97 12.82
N GLY A 125 -16.73 -1.03 13.64
CA GLY A 125 -16.69 -1.91 14.79
C GLY A 125 -16.48 -3.36 14.44
N MET A 126 -17.26 -3.87 13.50
CA MET A 126 -17.17 -5.26 13.12
C MET A 126 -15.81 -5.56 12.49
N MET A 127 -15.34 -4.66 11.64
CA MET A 127 -14.01 -4.83 11.01
C MET A 127 -12.82 -4.64 11.95
N SER A 128 -12.95 -3.78 12.94
CA SER A 128 -11.90 -3.65 13.97
C SER A 128 -11.73 -4.93 14.81
N LYS A 129 -12.82 -5.69 15.00
CA LYS A 129 -12.73 -6.99 15.66
C LYS A 129 -12.07 -8.00 14.73
N ILE A 130 -12.49 -8.01 13.47
CA ILE A 130 -12.08 -9.02 12.48
C ILE A 130 -10.66 -8.75 11.96
N GLY A 131 -10.33 -7.46 11.79
CA GLY A 131 -9.00 -6.99 11.37
C GLY A 131 -8.95 -6.73 9.88
N GLY A 132 -7.85 -6.13 9.45
CA GLY A 132 -7.60 -5.82 8.05
C GLY A 132 -7.70 -4.33 7.73
N GLY A 133 -7.81 -3.48 8.76
CA GLY A 133 -7.77 -2.03 8.58
C GLY A 133 -9.07 -1.48 8.00
N THR A 134 -9.39 -0.24 8.39
CA THR A 134 -10.57 0.41 7.89
C THR A 134 -10.32 1.87 7.60
N SER A 135 -11.20 2.43 6.80
CA SER A 135 -11.10 3.83 6.46
C SER A 135 -12.45 4.36 6.05
N ALA A 136 -12.58 5.68 6.08
CA ALA A 136 -13.81 6.30 5.64
C ALA A 136 -13.68 7.72 5.16
N TYR A 137 -14.59 8.10 4.30
CA TYR A 137 -14.66 9.46 3.76
C TYR A 137 -15.68 10.31 4.53
N PHE A 138 -15.21 11.43 5.05
CA PHE A 138 -16.00 12.37 5.91
C PHE A 138 -16.45 13.63 5.19
N GLY A 139 -16.01 13.82 3.94
CA GLY A 139 -16.16 15.10 3.28
C GLY A 139 -17.55 15.55 2.85
N ASP A 140 -18.52 14.64 2.84
CA ASP A 140 -19.90 15.02 2.55
C ASP A 140 -20.73 15.27 3.80
N ILE A 141 -20.13 15.12 4.97
CA ILE A 141 -20.75 15.57 6.23
C ILE A 141 -20.77 17.11 6.25
N ARG A 142 -21.92 17.70 6.54
CA ARG A 142 -22.00 19.16 6.55
C ARG A 142 -21.11 19.70 7.68
N PRO A 143 -20.48 20.87 7.49
CA PRO A 143 -19.52 21.42 8.44
C PRO A 143 -20.15 22.03 9.71
N ARG A 144 -19.32 22.27 10.71
CA ARG A 144 -19.77 22.82 12.00
C ARG A 144 -20.53 24.11 11.73
N GLY A 145 -21.71 24.23 12.35
CA GLY A 145 -22.55 25.43 12.19
C GLY A 145 -23.67 25.33 11.17
N SER A 146 -23.69 24.27 10.36
CA SER A 146 -24.76 24.07 9.37
C SER A 146 -26.09 23.80 10.07
N ALA A 147 -27.18 24.25 9.48
CA ALA A 147 -28.52 24.06 10.04
C ALA A 147 -28.95 22.58 9.99
N ILE A 148 -29.70 22.12 11.00
CA ILE A 148 -30.24 20.75 11.05
C ILE A 148 -31.73 20.71 11.41
N LYS A 153 -28.16 23.57 15.08
CA LYS A 153 -26.91 23.71 14.32
C LYS A 153 -25.96 22.53 14.53
N SER A 154 -25.43 22.01 13.42
CA SER A 154 -24.58 20.81 13.43
C SER A 154 -23.21 21.08 14.05
N ASP A 155 -22.62 20.00 14.54
CA ASP A 155 -21.31 20.03 15.17
C ASP A 155 -20.17 19.69 14.21
N GLY A 156 -20.52 19.24 13.00
CA GLY A 156 -19.56 19.07 11.91
C GLY A 156 -18.86 17.73 11.91
N SER A 157 -17.96 17.57 10.94
CA SER A 157 -17.32 16.30 10.63
C SER A 157 -16.29 15.87 11.66
N PHE A 158 -15.59 16.83 12.25
CA PHE A 158 -14.60 16.50 13.28
C PHE A 158 -15.26 15.89 14.53
N ASN A 159 -16.38 16.47 14.93
CA ASN A 159 -17.20 15.91 16.00
C ASN A 159 -17.49 14.41 15.77
N PHE A 160 -17.95 14.04 14.58
CA PHE A 160 -18.20 12.61 14.30
C PHE A 160 -16.95 11.74 14.24
N SER A 161 -15.80 12.32 13.89
CA SER A 161 -14.53 11.56 13.92
C SER A 161 -14.22 10.99 15.31
N LYS A 162 -14.71 11.67 16.37
CA LYS A 162 -14.53 11.18 17.75
C LYS A 162 -15.14 9.82 17.96
N LEU A 163 -16.24 9.55 17.27
CA LEU A 163 -16.89 8.26 17.37
C LEU A 163 -16.01 7.13 16.83
N PHE A 164 -15.33 7.38 15.72
CA PHE A 164 -14.51 6.34 15.10
C PHE A 164 -13.23 6.12 15.87
N ASP A 165 -12.65 7.20 16.37
CA ASP A 165 -11.48 7.13 17.24
C ASP A 165 -11.78 6.29 18.49
N THR A 166 -12.97 6.46 19.09
CA THR A 166 -13.35 5.61 20.21
C THR A 166 -13.60 4.17 19.83
N VAL A 167 -14.25 3.93 18.69
CA VAL A 167 -14.51 2.56 18.27
C VAL A 167 -13.19 1.77 18.23
N ILE A 168 -12.16 2.34 17.61
CA ILE A 168 -10.87 1.62 17.51
C ILE A 168 -10.09 1.57 18.84
N ASP A 169 -10.31 2.54 19.71
CA ASP A 169 -9.78 2.47 21.09
C ASP A 169 -10.36 1.29 21.86
N VAL A 170 -11.65 1.03 21.62
CA VAL A 170 -12.43 0.05 22.37
C VAL A 170 -12.39 -1.36 21.78
N ILE A 171 -12.37 -1.49 20.45
CA ILE A 171 -12.43 -2.77 19.77
C ILE A 171 -11.11 -3.02 19.05
N SER A 172 -10.53 -4.21 19.26
CA SER A 172 -9.29 -4.61 18.57
C SER A 172 -9.25 -6.11 18.19
N GLN A 173 -8.27 -6.45 17.36
CA GLN A 173 -7.99 -7.82 16.91
C GLN A 173 -6.61 -8.27 17.41
N GLY A 179 -7.89 -1.15 17.11
CA GLY A 179 -8.05 -1.11 15.65
C GLY A 179 -7.20 -0.03 14.99
N GLN A 180 -7.19 -0.06 13.66
CA GLN A 180 -6.57 0.99 12.85
C GLN A 180 -7.57 1.56 11.83
N PHE A 181 -7.67 2.88 11.82
CA PHE A 181 -8.64 3.60 11.03
C PHE A 181 -8.06 4.88 10.48
N ALA A 182 -8.40 5.20 9.25
CA ALA A 182 -8.05 6.47 8.64
C ALA A 182 -9.25 7.17 8.10
N GLY A 183 -9.43 8.42 8.50
CA GLY A 183 -10.49 9.27 7.98
C GLY A 183 -9.97 10.23 6.93
N TYR A 184 -10.72 10.46 5.87
CA TYR A 184 -10.37 11.41 4.82
C TYR A 184 -11.32 12.61 4.77
N ILE A 185 -10.74 13.81 4.65
CA ILE A 185 -11.47 15.08 4.59
C ILE A 185 -10.89 15.93 3.44
N ASP A 186 -11.75 16.66 2.72
CA ASP A 186 -11.27 17.52 1.63
C ASP A 186 -10.62 18.80 2.22
N ILE A 187 -9.55 19.26 1.58
CA ILE A 187 -8.83 20.47 2.06
C ILE A 187 -9.72 21.72 2.03
N GLU A 188 -10.75 21.71 1.16
CA GLU A 188 -11.70 22.83 1.04
C GLU A 188 -12.90 22.76 2.01
N HIS A 189 -12.93 21.73 2.85
CA HIS A 189 -14.07 21.47 3.74
C HIS A 189 -14.09 22.50 4.84
N GLY A 190 -15.30 22.88 5.25
CA GLY A 190 -15.47 23.82 6.34
C GLY A 190 -14.70 23.51 7.60
N ASP A 191 -14.51 22.21 7.90
CA ASP A 191 -13.89 21.79 9.15
C ASP A 191 -12.40 21.47 9.06
N ILE A 192 -11.75 21.82 7.95
CA ILE A 192 -10.35 21.47 7.73
C ILE A 192 -9.42 21.88 8.89
N ASP A 193 -9.62 23.10 9.42
CA ASP A 193 -8.80 23.56 10.57
C ASP A 193 -8.91 22.65 11.79
N GLU A 194 -10.10 22.09 12.05
CA GLU A 194 -10.23 21.16 13.18
C GLU A 194 -9.46 19.86 12.93
N TRP A 195 -9.54 19.34 11.71
CA TRP A 195 -8.83 18.09 11.37
C TRP A 195 -7.31 18.26 11.42
N LEU A 196 -6.80 19.43 11.03
CA LEU A 196 -5.35 19.70 11.06
C LEU A 196 -4.70 19.72 12.45
N ASP A 197 -5.50 19.72 13.54
CA ASP A 197 -4.98 19.55 14.91
C ASP A 197 -5.11 18.14 15.47
N ILE A 198 -5.54 17.18 14.66
CA ILE A 198 -5.53 15.78 15.06
C ILE A 198 -4.11 15.39 15.53
N HIS A 199 -4.02 14.62 16.60
CA HIS A 199 -2.74 14.18 17.24
C HIS A 199 -1.99 15.24 18.10
N THR A 200 -2.39 16.51 18.06
CA THR A 200 -1.77 17.55 18.93
C THR A 200 -2.13 17.35 20.39
N GLU A 201 -1.33 17.95 21.28
CA GLU A 201 -1.47 17.75 22.71
C GLU A 201 -2.89 18.00 23.20
N GLY A 202 -3.49 17.03 23.90
CA GLY A 202 -4.86 17.16 24.41
C GLY A 202 -6.02 17.03 23.40
N ASN A 203 -5.73 17.03 22.10
CA ASN A 203 -6.77 16.96 21.06
C ASN A 203 -7.55 15.69 21.28
N PRO A 204 -8.89 15.73 21.09
CA PRO A 204 -9.65 14.51 21.28
C PRO A 204 -9.17 13.31 20.46
N ILE A 205 -8.56 13.55 19.29
CA ILE A 205 -8.20 12.48 18.36
C ILE A 205 -6.70 12.17 18.42
N GLN A 206 -6.37 11.01 18.98
CA GLN A 206 -4.99 10.53 19.14
C GLN A 206 -4.71 9.18 18.46
N LEU A 207 -5.73 8.39 18.12
CA LEU A 207 -5.51 6.99 17.69
C LEU A 207 -5.68 6.84 16.17
N MET A 208 -6.72 7.43 15.61
CA MET A 208 -7.00 7.29 14.20
C MET A 208 -6.05 8.16 13.40
N TYR A 209 -5.78 7.70 12.18
CA TYR A 209 -5.02 8.51 11.22
C TYR A 209 -5.97 9.30 10.33
N TYR A 210 -5.42 10.22 9.55
CA TYR A 210 -6.20 10.93 8.56
C TYR A 210 -5.41 11.32 7.33
N GLY A 211 -6.18 11.54 6.28
CA GLY A 211 -5.73 12.03 5.01
C GLY A 211 -6.53 13.22 4.57
N VAL A 212 -5.90 14.06 3.76
CA VAL A 212 -6.51 15.25 3.22
C VAL A 212 -6.62 15.16 1.70
N CYS A 213 -7.81 15.36 1.20
CA CYS A 213 -8.07 15.30 -0.23
C CYS A 213 -7.87 16.66 -0.87
N VAL A 214 -6.90 16.74 -1.78
CA VAL A 214 -6.44 18.01 -2.34
C VAL A 214 -6.59 18.01 -3.85
N GLY A 215 -7.41 18.93 -4.37
CA GLY A 215 -7.71 19.04 -5.79
C GLY A 215 -6.70 19.86 -6.58
N HIS A 216 -6.73 19.67 -7.89
CA HIS A 216 -5.84 20.38 -8.81
C HIS A 216 -6.12 21.90 -8.77
N ASP A 217 -7.38 22.28 -8.96
CA ASP A 217 -7.76 23.71 -9.02
C ASP A 217 -7.42 24.44 -7.70
N TRP A 218 -7.64 23.79 -6.56
CA TRP A 218 -7.27 24.31 -5.25
C TRP A 218 -5.76 24.61 -5.18
N LEU A 219 -4.96 23.64 -5.57
CA LEU A 219 -3.50 23.83 -5.60
C LEU A 219 -3.05 24.89 -6.59
N GLU A 220 -3.70 25.00 -7.76
CA GLU A 220 -3.36 26.06 -8.71
C GLU A 220 -3.70 27.47 -8.17
N SER A 221 -4.80 27.57 -7.44
CA SER A 221 -5.17 28.81 -6.74
C SER A 221 -4.13 29.18 -5.69
N MET A 222 -3.69 28.19 -4.90
CA MET A 222 -2.63 28.35 -3.91
C MET A 222 -1.30 28.82 -4.53
N LYS A 223 -0.89 28.15 -5.61
CA LYS A 223 0.37 28.50 -6.31
C LYS A 223 0.31 29.89 -6.96
N ALA A 224 -0.85 30.26 -7.49
CA ALA A 224 -1.08 31.61 -8.04
C ALA A 224 -1.15 32.74 -6.99
N GLY A 225 -1.09 32.42 -5.69
CA GLY A 225 -0.87 33.40 -4.63
C GLY A 225 -1.95 33.60 -3.58
N ASP A 226 -3.06 32.84 -3.64
CA ASP A 226 -4.14 33.01 -2.67
C ASP A 226 -3.60 32.89 -1.23
N PRO A 227 -3.74 33.97 -0.41
CA PRO A 227 -3.09 33.94 0.91
C PRO A 227 -3.68 32.95 1.92
N TYR A 228 -5.01 32.76 1.91
CA TYR A 228 -5.62 31.80 2.80
C TYR A 228 -5.12 30.39 2.46
N LYS A 229 -5.16 30.04 1.16
CA LYS A 229 -4.71 28.71 0.72
C LYS A 229 -3.22 28.51 1.02
N ARG A 230 -2.43 29.55 0.76
CA ARG A 230 -1.02 29.52 1.11
C ARG A 230 -0.77 29.24 2.60
N GLN A 231 -1.52 29.88 3.51
CA GLN A 231 -1.36 29.60 4.95
C GLN A 231 -1.86 28.23 5.40
N LEU A 232 -2.96 27.79 4.82
CA LEU A 232 -3.49 26.46 5.12
C LEU A 232 -2.51 25.38 4.66
N TRP A 233 -1.99 25.53 3.43
CA TRP A 233 -1.06 24.56 2.87
C TRP A 233 0.19 24.54 3.73
N ALA A 234 0.68 25.72 4.12
CA ALA A 234 1.85 25.80 5.02
C ALA A 234 1.63 25.06 6.33
N LYS A 235 0.45 25.20 6.93
CA LYS A 235 0.12 24.50 8.16
C LYS A 235 0.08 22.96 7.95
N LEU A 236 -0.51 22.51 6.84
CA LEU A 236 -0.55 21.08 6.54
C LEU A 236 0.87 20.50 6.45
N LEU A 237 1.75 21.19 5.71
CA LEU A 237 3.17 20.79 5.60
C LEU A 237 3.87 20.78 6.96
N GLN A 238 3.56 21.76 7.81
CA GLN A 238 4.10 21.80 9.19
C GLN A 238 3.65 20.57 9.99
N ARG A 239 2.37 20.24 9.89
CA ARG A 239 1.82 19.04 10.54
C ARG A 239 2.51 17.74 10.08
N LYS A 240 2.78 17.65 8.79
CA LYS A 240 3.39 16.46 8.19
C LYS A 240 4.86 16.27 8.58
N THR A 241 5.59 17.38 8.71
CA THR A 241 6.96 17.33 9.23
C THR A 241 6.94 16.85 10.69
N GLU A 242 6.06 17.43 11.49
CA GLU A 242 5.94 17.09 12.92
C GLU A 242 5.46 15.68 13.21
N THR A 243 4.49 15.18 12.43
CA THR A 243 3.84 13.88 12.72
C THR A 243 3.99 12.77 11.66
N GLY A 244 4.40 13.14 10.45
CA GLY A 244 4.38 12.22 9.32
C GLY A 244 3.11 12.33 8.50
N ILE A 245 2.02 12.81 9.12
CA ILE A 245 0.71 12.87 8.52
C ILE A 245 0.21 14.32 8.57
N PRO A 246 -0.89 14.68 7.90
CA PRO A 246 -1.81 13.76 7.19
C PRO A 246 -1.23 13.10 5.95
N TYR A 247 -1.83 11.98 5.56
CA TYR A 247 -1.71 11.47 4.18
C TYR A 247 -2.24 12.49 3.19
N LEU A 248 -1.71 12.48 1.96
CA LEU A 248 -2.22 13.30 0.89
C LEU A 248 -2.93 12.42 -0.12
N PHE A 249 -4.14 12.83 -0.51
CA PHE A 249 -4.91 12.14 -1.55
C PHE A 249 -5.15 13.17 -2.64
N PHE A 250 -4.44 13.02 -3.75
CA PHE A 250 -4.63 13.93 -4.89
C PHE A 250 -5.81 13.47 -5.72
N LYS A 251 -6.98 13.98 -5.35
CA LYS A 251 -8.24 13.40 -5.78
C LYS A 251 -8.48 13.52 -7.26
N ASP A 252 -7.96 14.57 -7.89
CA ASP A 252 -8.16 14.73 -9.31
C ASP A 252 -7.25 13.77 -10.12
N ASN A 253 -6.05 13.50 -9.62
CA ASN A 253 -5.18 12.46 -10.20
C ASN A 253 -5.81 11.06 -10.02
N ALA A 254 -6.34 10.80 -8.81
CA ALA A 254 -7.00 9.52 -8.55
C ALA A 254 -8.16 9.30 -9.50
N ASN A 255 -9.01 10.32 -9.68
CA ASN A 255 -10.18 10.14 -10.53
C ASN A 255 -9.84 10.13 -12.02
N ALA A 256 -8.85 10.91 -12.41
CA ALA A 256 -8.38 10.89 -13.82
C ALA A 256 -7.73 9.54 -14.19
N GLY A 257 -7.18 8.86 -13.18
CA GLY A 257 -6.54 7.57 -13.37
C GLY A 257 -7.42 6.34 -13.18
N ARG A 258 -8.73 6.53 -12.97
CA ARG A 258 -9.62 5.38 -12.82
C ARG A 258 -9.74 4.58 -14.11
N PRO A 259 -10.01 3.27 -13.99
CA PRO A 259 -10.39 2.55 -15.21
C PRO A 259 -11.62 3.16 -15.90
N ASP A 260 -11.70 3.01 -17.22
CA ASP A 260 -12.84 3.52 -17.98
C ASP A 260 -14.20 3.16 -17.38
N VAL A 261 -14.34 1.93 -16.87
CA VAL A 261 -15.64 1.50 -16.31
C VAL A 261 -16.14 2.43 -15.21
N TYR A 262 -15.23 2.93 -14.37
CA TYR A 262 -15.67 3.82 -13.30
C TYR A 262 -15.98 5.22 -13.81
N LYS A 263 -15.25 5.67 -14.82
CA LYS A 263 -15.56 6.92 -15.48
C LYS A 263 -16.90 6.86 -16.19
N ASP A 264 -17.15 5.74 -16.86
CA ASP A 264 -18.38 5.52 -17.64
C ASP A 264 -19.64 5.57 -16.77
N LYS A 265 -19.48 5.15 -15.51
CA LYS A 265 -20.59 4.99 -14.58
C LYS A 265 -20.57 5.97 -13.41
N ASN A 266 -19.74 7.02 -13.51
CA ASN A 266 -19.58 8.07 -12.49
C ASN A 266 -19.33 7.52 -11.12
N MET A 267 -18.41 6.56 -11.02
CA MET A 267 -18.11 5.96 -9.73
C MET A 267 -16.88 6.67 -9.17
N THR A 268 -17.14 7.71 -8.41
CA THR A 268 -16.09 8.58 -7.87
C THR A 268 -15.25 7.90 -6.80
N VAL A 269 -13.94 8.15 -6.80
CA VAL A 269 -13.05 7.75 -5.74
C VAL A 269 -12.97 8.95 -4.80
N HIS A 270 -13.63 8.85 -3.63
CA HIS A 270 -13.66 9.95 -2.67
C HIS A 270 -12.42 10.04 -1.82
N ALA A 271 -11.80 8.89 -1.59
CA ALA A 271 -10.77 8.71 -0.59
C ALA A 271 -9.98 7.45 -0.89
N SER A 272 -8.84 7.31 -0.26
CA SER A 272 -8.08 6.05 -0.28
C SER A 272 -8.29 5.26 1.01
N ASN A 273 -7.42 4.28 1.26
CA ASN A 273 -7.55 3.36 2.38
C ASN A 273 -6.57 3.73 3.49
N LEU A 274 -6.45 2.84 4.47
CA LEU A 274 -5.54 3.05 5.60
C LEU A 274 -4.10 3.33 5.16
N CYS A 275 -3.62 2.67 4.09
CA CYS A 275 -2.23 2.76 3.65
C CYS A 275 -1.96 3.57 2.37
N THR A 276 -3.03 4.14 1.80
CA THR A 276 -3.04 5.11 0.68
C THR A 276 -2.80 4.55 -0.72
N GLU A 277 -2.77 3.23 -0.87
CA GLU A 277 -2.54 2.60 -2.19
C GLU A 277 -3.84 2.25 -2.92
N ILE A 278 -4.97 2.21 -2.21
CA ILE A 278 -6.23 1.78 -2.83
C ILE A 278 -6.90 2.97 -3.50
N MET A 279 -7.54 2.71 -4.65
CA MET A 279 -8.24 3.74 -5.45
C MET A 279 -9.52 3.15 -5.98
N LEU A 280 -10.52 3.05 -5.10
CA LEU A 280 -11.78 2.39 -5.43
C LEU A 280 -12.95 3.27 -4.97
N PRO A 281 -14.10 3.15 -5.65
CA PRO A 281 -15.24 4.00 -5.35
C PRO A 281 -16.04 3.46 -4.17
N SER A 282 -16.46 4.36 -3.29
CA SER A 282 -17.38 4.02 -2.21
C SER A 282 -18.61 4.92 -2.35
N SER A 283 -19.74 4.49 -1.79
CA SER A 283 -20.99 5.23 -1.99
C SER A 283 -21.94 4.90 -0.84
N ASN A 284 -23.13 5.49 -0.87
CA ASN A 284 -24.21 5.15 0.07
C ASN A 284 -24.52 3.64 0.16
N ASP A 285 -24.37 2.92 -0.96
CA ASP A 285 -24.69 1.49 -1.02
C ASP A 285 -23.50 0.50 -1.07
N GLU A 286 -22.27 1.01 -1.27
CA GLU A 286 -21.08 0.17 -1.41
C GLU A 286 -19.89 0.68 -0.60
N SER A 287 -19.23 -0.21 0.11
CA SER A 287 -17.96 0.09 0.82
C SER A 287 -16.88 -0.73 0.09
N PHE A 288 -15.82 -0.08 -0.36
CA PHE A 288 -14.80 -0.83 -1.10
C PHE A 288 -14.06 -1.80 -0.20
N VAL A 289 -13.76 -2.97 -0.77
CA VAL A 289 -12.85 -3.93 -0.20
C VAL A 289 -11.93 -4.45 -1.30
N CYS A 290 -10.79 -5.00 -0.88
CA CYS A 290 -9.81 -5.51 -1.84
C CYS A 290 -8.92 -6.51 -1.12
N CYS A 291 -8.28 -7.39 -1.85
CA CYS A 291 -7.32 -8.31 -1.26
C CYS A 291 -6.01 -8.15 -1.98
N LEU A 292 -4.96 -8.61 -1.36
CA LEU A 292 -3.64 -8.38 -1.89
C LEU A 292 -2.74 -9.56 -1.70
N SER A 293 -1.78 -9.63 -2.60
CA SER A 293 -0.61 -10.47 -2.44
C SER A 293 0.39 -9.84 -3.42
N SER A 294 1.64 -10.27 -3.37
CA SER A 294 2.74 -9.50 -3.98
C SER A 294 3.75 -10.37 -4.70
N MET A 295 4.20 -9.87 -5.85
CA MET A 295 5.28 -10.51 -6.60
C MET A 295 6.64 -10.06 -6.08
N ASN A 296 7.57 -11.01 -5.94
CA ASN A 296 8.90 -10.70 -5.45
C ASN A 296 9.76 -10.33 -6.64
N LEU A 297 10.00 -9.03 -6.77
CA LEU A 297 10.79 -8.52 -7.90
C LEU A 297 12.25 -8.93 -7.89
N LEU A 298 12.78 -9.40 -6.74
CA LEU A 298 14.14 -9.94 -6.72
C LEU A 298 14.33 -11.00 -7.81
N TYR A 299 13.28 -11.77 -8.08
CA TYR A 299 13.33 -12.84 -9.05
C TYR A 299 12.67 -12.53 -10.37
N PHE A 300 12.51 -11.25 -10.70
CA PHE A 300 11.86 -10.84 -11.96
C PHE A 300 12.40 -11.59 -13.17
N ASP A 301 13.71 -11.66 -13.26
CA ASP A 301 14.35 -12.29 -14.44
C ASP A 301 14.11 -13.80 -14.50
N GLU A 302 13.76 -14.42 -13.36
CA GLU A 302 13.27 -15.79 -13.34
C GLU A 302 11.83 -15.95 -13.77
N TRP A 303 10.90 -15.13 -13.24
CA TRP A 303 9.47 -15.38 -13.49
C TRP A 303 8.82 -14.53 -14.59
N LYS A 304 9.54 -13.58 -15.19
CA LYS A 304 8.94 -12.64 -16.16
C LYS A 304 8.22 -13.33 -17.35
N ASP A 305 8.72 -14.49 -17.78
CA ASP A 305 8.08 -15.25 -18.89
C ASP A 305 7.45 -16.56 -18.40
N THR A 306 7.03 -16.60 -17.14
CA THR A 306 6.28 -17.69 -16.60
C THR A 306 4.86 -17.23 -16.39
N GLU A 307 4.02 -18.16 -15.96
CA GLU A 307 2.65 -17.84 -15.56
C GLU A 307 2.51 -17.45 -14.09
N ALA A 308 3.59 -17.08 -13.41
CA ALA A 308 3.47 -16.77 -11.98
C ALA A 308 2.51 -15.59 -11.66
N PRO A 309 2.62 -14.45 -12.37
CA PRO A 309 1.67 -13.35 -12.09
C PRO A 309 0.22 -13.73 -12.38
N GLU A 310 0.01 -14.52 -13.43
CA GLU A 310 -1.33 -14.99 -13.73
C GLU A 310 -1.88 -15.91 -12.66
N VAL A 311 -1.03 -16.80 -12.17
CA VAL A 311 -1.43 -17.72 -11.08
C VAL A 311 -1.80 -16.93 -9.84
N LEU A 312 -1.02 -15.90 -9.52
CA LEU A 312 -1.33 -15.08 -8.35
C LEU A 312 -2.65 -14.30 -8.54
N THR A 313 -2.92 -13.81 -9.75
CA THR A 313 -4.18 -13.16 -10.08
C THR A 313 -5.41 -14.08 -9.88
N TYR A 314 -5.30 -15.29 -10.41
CA TYR A 314 -6.29 -16.36 -10.21
C TYR A 314 -6.50 -16.59 -8.72
N PHE A 315 -5.41 -16.59 -7.97
CA PHE A 315 -5.50 -16.83 -6.52
C PHE A 315 -6.27 -15.72 -5.83
N LEU A 316 -5.95 -14.48 -6.16
CA LEU A 316 -6.65 -13.34 -5.58
C LEU A 316 -8.14 -13.31 -5.93
N ASP A 317 -8.48 -13.77 -7.14
CA ASP A 317 -9.89 -13.87 -7.46
C ASP A 317 -10.63 -14.89 -6.60
N VAL A 318 -10.02 -16.04 -6.32
CA VAL A 318 -10.69 -16.99 -5.40
C VAL A 318 -10.73 -16.52 -3.96
N VAL A 319 -9.72 -15.72 -3.55
CA VAL A 319 -9.77 -15.05 -2.27
C VAL A 319 -10.99 -14.12 -2.18
N MET A 320 -11.25 -13.33 -3.21
CA MET A 320 -12.45 -12.50 -3.23
C MET A 320 -13.74 -13.34 -3.21
N SER A 321 -13.76 -14.46 -3.92
CA SER A 321 -14.90 -15.39 -3.82
C SER A 321 -15.14 -15.84 -2.37
N GLU A 322 -14.06 -16.10 -1.63
CA GLU A 322 -14.20 -16.41 -0.19
C GLU A 322 -14.78 -15.26 0.62
N PHE A 323 -14.26 -14.04 0.41
CA PHE A 323 -14.82 -12.90 1.10
C PHE A 323 -16.32 -12.80 0.80
N ILE A 324 -16.69 -12.93 -0.47
CA ILE A 324 -18.11 -12.84 -0.85
C ILE A 324 -18.91 -13.89 -0.08
N GLU A 325 -18.45 -15.14 -0.09
CA GLU A 325 -19.20 -16.24 0.57
C GLU A 325 -19.34 -16.02 2.08
N LYS A 326 -18.25 -15.59 2.71
CA LYS A 326 -18.22 -15.35 4.16
C LYS A 326 -19.05 -14.15 4.59
N SER A 327 -19.00 -13.09 3.79
CA SER A 327 -19.70 -11.85 4.12
C SER A 327 -21.20 -11.85 3.86
N LYS A 328 -21.73 -12.84 3.13
CA LYS A 328 -23.12 -12.79 2.67
C LYS A 328 -24.14 -12.77 3.82
N ASP A 329 -23.77 -13.33 4.97
CA ASP A 329 -24.65 -13.39 6.13
C ASP A 329 -23.98 -12.75 7.35
N MET A 330 -23.02 -11.86 7.12
CA MET A 330 -22.30 -11.24 8.23
C MET A 330 -22.96 -9.93 8.56
N PRO A 331 -23.42 -9.81 9.83
CA PRO A 331 -24.09 -8.58 10.20
C PRO A 331 -23.20 -7.38 9.94
N PHE A 332 -23.79 -6.37 9.28
CA PHE A 332 -23.28 -5.00 9.08
C PHE A 332 -22.33 -4.83 7.89
N LEU A 333 -21.97 -5.92 7.23
CA LEU A 333 -21.04 -5.90 6.09
C LEU A 333 -21.75 -5.93 4.71
N ASP A 334 -23.05 -5.61 4.68
CA ASP A 334 -23.82 -5.70 3.42
C ASP A 334 -23.26 -4.79 2.31
N ARG A 335 -22.71 -3.63 2.67
CA ARG A 335 -22.22 -2.68 1.65
C ARG A 335 -20.95 -3.22 1.01
N ALA A 336 -20.11 -3.88 1.81
CA ALA A 336 -18.87 -4.50 1.33
C ALA A 336 -19.17 -5.76 0.52
N HIS A 337 -20.13 -6.54 1.01
CA HIS A 337 -20.56 -7.74 0.26
C HIS A 337 -21.03 -7.35 -1.13
N ARG A 338 -21.84 -6.29 -1.22
CA ARG A 338 -22.34 -5.76 -2.47
C ARG A 338 -21.17 -5.34 -3.37
N PHE A 339 -20.27 -4.55 -2.82
CA PHE A 339 -19.11 -4.10 -3.59
C PHE A 339 -18.30 -5.24 -4.16
N ALA A 340 -17.92 -6.19 -3.31
CA ALA A 340 -17.13 -7.32 -3.76
C ALA A 340 -17.84 -8.11 -4.85
N THR A 341 -19.12 -8.40 -4.65
CA THR A 341 -19.94 -9.10 -5.65
C THR A 341 -19.93 -8.40 -7.02
N ARG A 342 -20.10 -7.09 -7.04
CA ARG A 342 -20.25 -6.37 -8.29
C ARG A 342 -18.96 -5.97 -8.98
N HIS A 343 -17.88 -5.76 -8.20
CA HIS A 343 -16.61 -5.21 -8.68
C HIS A 343 -15.50 -6.25 -8.80
N ARG A 344 -15.40 -7.13 -7.81
CA ARG A 344 -14.30 -8.07 -7.69
C ARG A 344 -12.92 -7.39 -7.80
N ALA A 345 -12.77 -6.23 -7.17
CA ALA A 345 -11.49 -5.50 -7.25
C ALA A 345 -10.34 -6.27 -6.59
N LEU A 346 -9.20 -6.36 -7.28
CA LEU A 346 -7.98 -6.95 -6.74
C LEU A 346 -6.84 -5.92 -6.65
N GLY A 347 -5.87 -6.25 -5.81
CA GLY A 347 -4.72 -5.40 -5.54
C GLY A 347 -3.42 -6.20 -5.49
N LEU A 348 -3.00 -6.71 -6.63
CA LEU A 348 -1.73 -7.43 -6.73
C LEU A 348 -0.61 -6.37 -6.69
N GLY A 349 0.35 -6.58 -5.81
CA GLY A 349 1.46 -5.65 -5.57
C GLY A 349 2.80 -6.27 -5.81
N VAL A 350 3.84 -5.64 -5.23
CA VAL A 350 5.22 -6.07 -5.39
C VAL A 350 6.01 -5.84 -4.13
N LEU A 351 7.11 -6.55 -4.01
CA LEU A 351 8.17 -6.21 -3.06
C LEU A 351 9.53 -6.57 -3.66
N GLY A 352 10.59 -6.13 -3.02
CA GLY A 352 11.94 -6.48 -3.46
C GLY A 352 12.44 -5.66 -4.62
N TRP A 353 11.86 -4.49 -4.88
CA TRP A 353 12.35 -3.60 -5.95
C TRP A 353 13.83 -3.21 -5.75
N HIS A 354 14.16 -2.68 -4.56
CA HIS A 354 15.53 -2.29 -4.31
C HIS A 354 16.47 -3.50 -4.33
N SER A 355 15.98 -4.62 -3.77
CA SER A 355 16.69 -5.88 -3.87
C SER A 355 17.04 -6.27 -5.31
N TYR A 356 16.06 -6.22 -6.20
CA TYR A 356 16.33 -6.49 -7.61
C TYR A 356 17.42 -5.56 -8.16
N LEU A 357 17.32 -4.27 -7.85
CA LEU A 357 18.32 -3.31 -8.36
C LEU A 357 19.70 -3.64 -7.82
N GLN A 358 19.78 -3.95 -6.54
CA GLN A 358 21.08 -4.28 -5.94
C GLN A 358 21.66 -5.59 -6.45
N ALA A 359 20.80 -6.57 -6.73
CA ALA A 359 21.27 -7.84 -7.29
C ALA A 359 21.90 -7.64 -8.66
N ASN A 360 21.48 -6.58 -9.36
CA ASN A 360 22.00 -6.22 -10.68
C ASN A 360 23.01 -5.08 -10.68
N ASN A 361 23.49 -4.70 -9.51
CA ASN A 361 24.44 -3.63 -9.33
C ASN A 361 23.97 -2.30 -9.95
N ILE A 362 22.70 -1.98 -9.74
CA ILE A 362 22.08 -0.77 -10.27
C ILE A 362 21.76 0.11 -9.08
N ALA A 363 22.14 1.39 -9.18
CA ALA A 363 21.80 2.38 -8.16
C ALA A 363 20.33 2.74 -8.24
N PHE A 364 19.69 2.94 -7.08
CA PHE A 364 18.26 3.24 -7.05
C PHE A 364 17.89 4.44 -7.92
N ASP A 365 18.60 5.55 -7.73
CA ASP A 365 18.37 6.77 -8.50
C ASP A 365 19.27 6.74 -9.74
N SER A 366 18.81 6.08 -10.80
CA SER A 366 19.57 6.00 -12.05
C SER A 366 18.68 5.81 -13.27
N PHE A 367 19.22 6.13 -14.44
CA PHE A 367 18.54 5.87 -15.70
C PHE A 367 18.26 4.38 -15.88
N GLN A 368 19.22 3.52 -15.55
CA GLN A 368 19.02 2.07 -15.68
C GLN A 368 17.89 1.56 -14.77
N ALA A 369 17.79 2.11 -13.57
CA ALA A 369 16.63 1.81 -12.67
C ALA A 369 15.30 2.18 -13.33
N MET A 370 15.25 3.35 -13.95
CA MET A 370 14.05 3.77 -14.65
C MET A 370 13.70 2.83 -15.79
N GLN A 371 14.70 2.34 -16.53
CA GLN A 371 14.43 1.33 -17.56
C GLN A 371 13.81 0.06 -17.02
N LYS A 372 14.36 -0.42 -15.92
CA LYS A 372 13.84 -1.63 -15.28
C LYS A 372 12.42 -1.41 -14.71
N ASN A 373 12.20 -0.21 -14.19
CA ASN A 373 10.89 0.18 -13.57
C ASN A 373 9.82 0.07 -14.66
N ASN A 374 10.09 0.66 -15.83
CA ASN A 374 9.17 0.58 -16.93
C ASN A 374 8.89 -0.86 -17.37
N LEU A 375 9.95 -1.64 -17.52
CA LEU A 375 9.86 -3.03 -17.98
C LEU A 375 9.03 -3.88 -17.02
N ILE A 376 9.38 -3.81 -15.75
CA ILE A 376 8.71 -4.64 -14.75
C ILE A 376 7.22 -4.34 -14.65
N PHE A 377 6.89 -3.06 -14.54
CA PHE A 377 5.48 -2.69 -14.32
C PHE A 377 4.63 -2.82 -15.57
N LYS A 378 5.24 -2.62 -16.74
CA LYS A 378 4.57 -2.92 -17.99
C LYS A 378 4.23 -4.40 -18.11
N THR A 379 5.19 -5.25 -17.76
CA THR A 379 5.01 -6.70 -17.81
C THR A 379 3.88 -7.13 -16.87
N LEU A 380 3.93 -6.60 -15.66
CA LEU A 380 2.85 -6.92 -14.69
C LEU A 380 1.46 -6.46 -15.12
N GLN A 381 1.37 -5.27 -15.70
CA GLN A 381 0.08 -4.76 -16.17
C GLN A 381 -0.51 -5.71 -17.23
N GLU A 382 0.35 -6.15 -18.15
CA GLU A 382 -0.11 -6.99 -19.25
C GLU A 382 -0.56 -8.36 -18.79
N LYS A 383 0.24 -8.96 -17.91
CA LYS A 383 0.00 -10.32 -17.45
C LYS A 383 -1.21 -10.42 -16.53
N THR A 384 -1.34 -9.46 -15.61
CA THR A 384 -2.52 -9.44 -14.71
C THR A 384 -3.83 -9.17 -15.48
N LEU A 385 -3.81 -8.25 -16.44
CA LEU A 385 -4.99 -8.02 -17.25
C LEU A 385 -5.37 -9.27 -18.08
N LYS A 386 -4.38 -9.90 -18.68
CA LYS A 386 -4.63 -11.13 -19.44
C LYS A 386 -5.31 -12.16 -18.56
N ALA A 387 -4.81 -12.32 -17.34
CA ALA A 387 -5.36 -13.26 -16.40
C ALA A 387 -6.82 -12.94 -16.04
N SER A 388 -7.11 -11.65 -15.86
CA SER A 388 -8.47 -11.20 -15.51
C SER A 388 -9.43 -11.45 -16.68
N GLN A 389 -8.94 -11.25 -17.90
CA GLN A 389 -9.72 -11.60 -19.11
C GLN A 389 -10.04 -13.10 -19.20
N GLU A 390 -9.05 -13.96 -18.94
CA GLU A 390 -9.26 -15.42 -18.90
C GLU A 390 -10.24 -15.84 -17.81
N LEU A 391 -10.10 -15.20 -16.65
CA LEU A 391 -11.04 -15.44 -15.55
C LEU A 391 -12.49 -15.12 -15.91
N ALA A 392 -12.72 -14.03 -16.67
CA ALA A 392 -14.08 -13.71 -17.09
C ALA A 392 -14.64 -14.76 -18.08
N LYS A 393 -13.79 -15.27 -18.95
CA LYS A 393 -14.18 -16.35 -19.86
C LYS A 393 -14.57 -17.61 -19.10
N ARG A 394 -13.81 -17.93 -18.05
CA ARG A 394 -14.06 -19.13 -17.25
C ARG A 394 -15.27 -18.97 -16.30
N PHE A 395 -15.37 -17.84 -15.60
CA PHE A 395 -16.32 -17.69 -14.49
C PHE A 395 -17.40 -16.62 -14.66
N GLY A 396 -17.28 -15.78 -15.69
CA GLY A 396 -18.23 -14.69 -15.94
C GLY A 396 -17.75 -13.32 -15.45
N GLU A 397 -18.34 -12.27 -16.01
CA GLU A 397 -18.07 -10.88 -15.63
C GLU A 397 -19.01 -10.55 -14.47
N PRO A 398 -18.50 -9.87 -13.45
CA PRO A 398 -19.44 -9.41 -12.44
C PRO A 398 -20.26 -8.22 -12.98
N GLU A 399 -21.28 -7.82 -12.25
CA GLU A 399 -22.29 -6.85 -12.73
C GLU A 399 -21.71 -5.54 -13.27
N ILE A 400 -20.74 -4.94 -12.56
CA ILE A 400 -20.16 -3.68 -12.98
C ILE A 400 -19.41 -3.80 -14.31
N LEU A 401 -18.87 -4.98 -14.60
CA LEU A 401 -18.10 -5.23 -15.79
C LEU A 401 -18.83 -5.96 -16.93
N LYS A 402 -20.15 -6.08 -16.87
CA LYS A 402 -20.89 -6.73 -17.97
C LYS A 402 -20.52 -6.01 -19.27
N GLY A 403 -19.98 -6.77 -20.24
CA GLY A 403 -19.57 -6.25 -21.54
C GLY A 403 -18.19 -5.67 -21.62
N TYR A 404 -17.48 -5.58 -20.48
CA TYR A 404 -16.16 -5.03 -20.40
C TYR A 404 -15.02 -6.01 -20.64
N GLY A 405 -15.26 -7.32 -20.51
CA GLY A 405 -14.32 -8.35 -20.92
C GLY A 405 -13.27 -8.79 -19.91
N ARG A 406 -13.46 -8.43 -18.63
CA ARG A 406 -12.61 -8.97 -17.58
C ARG A 406 -13.43 -9.20 -16.32
N ARG A 407 -12.80 -9.91 -15.38
CA ARG A 407 -13.41 -10.37 -14.13
C ARG A 407 -13.34 -9.34 -12.99
N ASN A 408 -12.31 -8.48 -13.02
CA ASN A 408 -11.90 -7.62 -11.90
C ASN A 408 -11.77 -6.19 -12.35
N THR A 409 -12.37 -5.25 -11.60
CA THR A 409 -12.39 -3.85 -12.04
C THR A 409 -10.99 -3.26 -12.03
N THR A 410 -10.22 -3.66 -11.01
CA THR A 410 -8.83 -3.30 -10.86
C THR A 410 -8.02 -4.56 -10.55
N LEU A 411 -6.75 -4.53 -10.93
CA LEU A 411 -5.82 -5.62 -10.75
C LEU A 411 -4.61 -5.31 -9.86
N MET A 412 -4.13 -4.07 -9.85
CA MET A 412 -2.83 -3.76 -9.20
C MET A 412 -2.82 -2.59 -8.26
N SER A 413 -2.08 -2.75 -7.17
CA SER A 413 -1.90 -1.68 -6.19
C SER A 413 -0.62 -1.96 -5.44
N ILE A 414 0.09 -0.93 -5.05
CA ILE A 414 1.39 -1.15 -4.39
C ILE A 414 1.31 -0.80 -2.91
N ALA A 415 0.88 -1.78 -2.13
CA ALA A 415 0.80 -1.65 -0.68
C ALA A 415 2.18 -1.69 0.03
N PRO A 416 2.24 -1.23 1.29
CA PRO A 416 3.44 -1.41 2.08
C PRO A 416 3.62 -2.90 2.39
N THR A 417 4.84 -3.36 2.55
CA THR A 417 5.06 -4.82 2.73
C THR A 417 6.10 -5.10 3.82
N LYS A 418 6.12 -4.32 4.90
CA LYS A 418 7.23 -4.44 5.86
C LYS A 418 7.33 -5.86 6.47
N SER A 419 6.23 -6.39 6.97
CA SER A 419 6.24 -7.76 7.53
C SER A 419 6.36 -8.80 6.44
N SER A 420 5.66 -8.59 5.33
CA SER A 420 5.68 -9.54 4.23
C SER A 420 7.09 -9.67 3.63
N SER A 421 7.81 -8.56 3.53
CA SER A 421 9.19 -8.54 3.04
C SER A 421 10.11 -9.29 3.99
N PHE A 422 9.91 -9.10 5.30
CA PHE A 422 10.67 -9.85 6.29
C PHE A 422 10.50 -11.37 6.08
N ILE A 423 9.25 -11.81 6.02
CA ILE A 423 8.91 -13.22 5.84
C ILE A 423 9.59 -13.80 4.60
N LEU A 424 9.56 -13.04 3.51
CA LEU A 424 10.08 -13.51 2.22
C LEU A 424 11.54 -13.15 1.98
N GLY A 425 12.41 -13.72 2.82
CA GLY A 425 13.86 -13.58 2.63
C GLY A 425 14.44 -12.25 3.02
N SER A 426 13.73 -11.47 3.85
CA SER A 426 14.17 -10.12 4.24
C SER A 426 14.49 -9.22 3.02
N VAL A 427 13.72 -9.35 1.96
CA VAL A 427 13.86 -8.44 0.80
C VAL A 427 13.38 -7.04 1.12
N SER A 428 13.71 -6.11 0.23
CA SER A 428 13.38 -4.72 0.42
C SER A 428 11.84 -4.57 0.41
N PRO A 429 11.35 -3.59 1.16
CA PRO A 429 9.90 -3.38 1.22
C PRO A 429 9.30 -2.69 0.00
N SER A 430 8.22 -3.26 -0.55
CA SER A 430 7.50 -2.70 -1.71
C SER A 430 8.46 -2.10 -2.72
N VAL A 431 8.30 -0.82 -3.04
CA VAL A 431 9.18 -0.11 -3.97
C VAL A 431 10.11 0.84 -3.22
N GLU A 432 10.18 0.69 -1.92
CA GLU A 432 10.92 1.62 -1.06
C GLU A 432 12.40 1.20 -1.02
N PRO A 433 13.33 2.18 -0.92
CA PRO A 433 14.69 1.78 -0.64
C PRO A 433 14.82 1.12 0.73
N PHE A 434 15.75 0.19 0.86
CA PHE A 434 16.23 -0.26 2.15
C PHE A 434 16.55 0.91 3.05
N LYS A 435 16.11 0.81 4.30
CA LYS A 435 16.38 1.84 5.28
C LYS A 435 17.87 2.00 5.41
N SER A 436 18.56 0.89 5.62
CA SER A 436 20.00 0.89 5.66
C SER A 436 20.58 -0.52 5.44
N ASN A 437 21.90 -0.59 5.41
CA ASN A 437 22.63 -1.83 5.11
C ASN A 437 22.83 -2.76 6.31
N TYR A 438 22.57 -2.24 7.51
CA TYR A 438 22.83 -2.94 8.76
C TYR A 438 22.02 -2.25 9.87
N TYR A 439 20.93 -2.88 10.31
CA TYR A 439 19.97 -2.28 11.26
C TYR A 439 19.25 -3.31 12.12
N TYR A 450 19.95 -7.78 10.82
CA TYR A 450 19.90 -7.71 9.34
C TYR A 450 21.15 -7.07 8.69
N LYS A 451 21.81 -7.82 7.81
CA LYS A 451 22.94 -7.33 7.00
C LYS A 451 22.56 -7.45 5.52
N ASN A 452 22.76 -6.40 4.76
CA ASN A 452 22.47 -6.44 3.34
C ASN A 452 23.31 -7.56 2.70
N PRO A 453 22.65 -8.56 2.05
CA PRO A 453 23.39 -9.69 1.54
C PRO A 453 24.23 -9.39 0.28
N PHE A 454 23.86 -8.35 -0.48
CA PHE A 454 24.67 -7.93 -1.64
C PHE A 454 25.87 -7.12 -1.18
N LEU A 455 25.70 -6.29 -0.15
CA LEU A 455 26.85 -5.59 0.45
C LEU A 455 27.82 -6.61 1.03
N GLU A 456 27.29 -7.55 1.79
CA GLU A 456 28.08 -8.64 2.39
C GLU A 456 28.96 -9.33 1.35
N LYS A 457 28.33 -9.79 0.27
CA LYS A 457 29.04 -10.41 -0.85
C LYS A 457 30.16 -9.49 -1.38
N LEU A 458 29.83 -8.23 -1.67
CA LEU A 458 30.85 -7.25 -2.10
C LEU A 458 32.00 -7.08 -1.11
N LEU A 459 31.68 -7.03 0.18
CA LEU A 459 32.72 -6.91 1.22
C LEU A 459 33.59 -8.17 1.28
N GLN A 460 32.98 -9.34 1.08
CA GLN A 460 33.71 -10.62 1.02
C GLN A 460 34.69 -10.69 -0.16
N GLU A 461 34.28 -10.18 -1.33
CA GLU A 461 35.16 -10.16 -2.51
C GLU A 461 36.35 -9.21 -2.36
N LYS A 462 36.23 -8.21 -1.47
CA LYS A 462 37.32 -7.30 -1.12
C LYS A 462 38.09 -7.67 0.16
N GLY A 463 37.77 -8.81 0.78
CA GLY A 463 38.31 -9.18 2.08
C GLY A 463 38.01 -8.20 3.22
N LEU A 464 36.89 -7.48 3.11
CA LEU A 464 36.49 -6.46 4.08
C LEU A 464 35.30 -6.89 4.93
N ASP A 465 35.04 -8.20 4.99
CA ASP A 465 33.89 -8.76 5.72
C ASP A 465 34.27 -9.02 7.18
N THR A 466 34.60 -7.94 7.88
CA THR A 466 35.17 -8.00 9.24
C THR A 466 34.29 -7.23 10.22
N GLU A 467 34.37 -7.60 11.50
CA GLU A 467 33.61 -6.94 12.56
C GLU A 467 33.86 -5.43 12.66
N GLU A 468 35.09 -5.00 12.42
CA GLU A 468 35.44 -3.58 12.44
C GLU A 468 34.71 -2.79 11.34
N ILE A 469 34.68 -3.35 10.14
CA ILE A 469 33.99 -2.72 9.00
C ILE A 469 32.49 -2.66 9.26
N TRP A 470 31.90 -3.78 9.68
CA TRP A 470 30.46 -3.80 9.97
C TRP A 470 30.10 -2.90 11.13
N GLU A 471 30.92 -2.89 12.20
CA GLU A 471 30.64 -1.98 13.33
C GLU A 471 30.66 -0.51 12.88
N SER A 472 31.58 -0.17 11.97
CA SER A 472 31.65 1.19 11.43
C SER A 472 30.35 1.55 10.68
N ILE A 473 29.81 0.59 9.95
CA ILE A 473 28.52 0.74 9.24
C ILE A 473 27.37 0.91 10.24
N LEU A 474 27.29 0.06 11.26
CA LEU A 474 26.30 0.22 12.32
C LEU A 474 26.36 1.60 13.02
N HIS A 475 27.58 2.05 13.35
CA HIS A 475 27.76 3.37 13.98
C HIS A 475 27.40 4.56 13.10
N ASN A 476 27.43 4.37 11.78
CA ASN A 476 27.00 5.39 10.82
C ASN A 476 25.58 5.14 10.26
N ASP A 477 24.68 4.60 11.08
CA ASP A 477 23.26 4.47 10.75
C ASP A 477 23.03 3.56 9.51
N GLY A 478 23.88 2.54 9.40
CA GLY A 478 23.85 1.60 8.28
C GLY A 478 24.37 2.08 6.94
N SER A 479 25.10 3.19 6.95
CA SER A 479 25.67 3.80 5.73
C SER A 479 27.05 3.21 5.44
N VAL A 480 27.43 3.20 4.16
CA VAL A 480 28.79 2.86 3.72
C VAL A 480 29.51 4.05 3.07
N GLN A 481 28.90 5.24 3.10
CA GLN A 481 29.43 6.40 2.36
C GLN A 481 30.78 6.87 2.94
N HIS A 482 30.95 6.63 4.24
CA HIS A 482 32.22 6.92 4.93
C HIS A 482 33.42 6.02 4.52
N LEU A 483 33.17 4.83 3.95
CA LEU A 483 34.23 3.83 3.72
C LEU A 483 35.13 4.13 2.50
N GLU A 484 36.36 4.59 2.76
CA GLU A 484 37.36 4.85 1.70
C GLU A 484 37.70 3.64 0.81
N GLN A 485 37.54 2.43 1.34
CA GLN A 485 37.83 1.18 0.61
C GLN A 485 36.86 0.92 -0.56
N LEU A 486 35.70 1.57 -0.57
CA LEU A 486 34.71 1.39 -1.63
C LEU A 486 34.84 2.48 -2.68
N THR A 487 34.68 2.11 -3.95
CA THR A 487 34.58 3.07 -5.04
C THR A 487 33.28 3.87 -4.90
N ASP A 488 33.23 5.03 -5.54
CA ASP A 488 32.01 5.84 -5.59
C ASP A 488 30.83 5.10 -6.23
N GLU A 489 31.11 4.21 -7.17
CA GLU A 489 30.09 3.41 -7.86
C GLU A 489 29.43 2.47 -6.87
N GLU A 490 30.26 1.76 -6.12
CA GLU A 490 29.79 0.84 -5.08
C GLU A 490 28.99 1.55 -3.99
N LYS A 491 29.52 2.67 -3.50
CA LYS A 491 28.80 3.52 -2.55
C LYS A 491 27.42 3.94 -3.07
N GLU A 492 27.33 4.28 -4.35
CA GLU A 492 26.05 4.67 -4.97
C GLU A 492 25.02 3.54 -4.88
N VAL A 493 25.45 2.31 -5.16
CA VAL A 493 24.55 1.16 -5.16
C VAL A 493 23.97 0.89 -3.76
N PHE A 494 24.74 1.21 -2.71
CA PHE A 494 24.34 0.94 -1.33
C PHE A 494 23.98 2.18 -0.49
N LYS A 495 23.64 3.29 -1.15
CA LYS A 495 23.04 4.42 -0.44
C LYS A 495 21.79 3.93 0.32
N THR A 496 21.61 4.50 1.50
CA THR A 496 20.40 4.26 2.35
C THR A 496 19.23 5.10 1.86
N PHE A 497 18.01 4.78 2.32
CA PHE A 497 16.81 5.58 2.00
C PHE A 497 17.07 7.08 2.26
N SER A 498 17.63 7.40 3.41
CA SER A 498 17.94 8.79 3.77
C SER A 498 18.94 9.50 2.82
N GLU A 499 19.86 8.74 2.24
CA GLU A 499 20.87 9.27 1.32
C GLU A 499 20.41 9.40 -0.14
N ILE A 500 19.26 8.80 -0.46
CA ILE A 500 18.74 8.76 -1.81
C ILE A 500 17.94 10.02 -2.11
N SER A 501 17.98 10.46 -3.37
CA SER A 501 17.16 11.54 -3.86
C SER A 501 15.68 11.21 -3.70
N GLN A 502 14.98 12.02 -2.92
CA GLN A 502 13.54 11.83 -2.73
C GLN A 502 12.76 12.22 -3.96
N LEU A 503 13.34 13.12 -4.78
CA LEU A 503 12.78 13.38 -6.10
C LEU A 503 12.77 12.09 -6.94
N SER A 504 13.80 11.25 -6.82
CA SER A 504 13.83 9.99 -7.58
C SER A 504 12.72 9.01 -7.15
N VAL A 505 12.42 8.99 -5.85
CA VAL A 505 11.31 8.19 -5.33
C VAL A 505 10.00 8.62 -6.01
N ILE A 506 9.76 9.93 -6.05
CA ILE A 506 8.55 10.49 -6.64
C ILE A 506 8.49 10.26 -8.15
N GLN A 507 9.62 10.52 -8.81
CA GLN A 507 9.68 10.31 -10.26
C GLN A 507 9.47 8.85 -10.69
N GLN A 508 10.08 7.90 -9.97
CA GLN A 508 9.84 6.49 -10.23
C GLN A 508 8.39 6.09 -10.01
N ALA A 509 7.76 6.65 -8.96
CA ALA A 509 6.35 6.38 -8.70
C ALA A 509 5.49 6.95 -9.84
N ALA A 510 5.85 8.14 -10.32
CA ALA A 510 5.13 8.77 -11.42
C ALA A 510 5.26 7.95 -12.69
N GLN A 511 6.47 7.44 -12.93
CA GLN A 511 6.73 6.65 -14.12
C GLN A 511 5.94 5.36 -14.17
N ARG A 512 5.91 4.60 -13.07
CA ARG A 512 5.20 3.33 -13.05
C ARG A 512 3.66 3.48 -12.91
N GLN A 513 3.18 4.64 -12.49
CA GLN A 513 1.75 4.86 -12.27
C GLN A 513 0.91 4.57 -13.50
N LYS A 514 1.44 4.81 -14.70
CA LYS A 514 0.64 4.53 -15.90
C LYS A 514 0.30 3.06 -16.08
N TYR A 515 1.06 2.16 -15.43
CA TYR A 515 0.82 0.73 -15.49
C TYR A 515 0.03 0.15 -14.31
N ILE A 516 -0.44 1.01 -13.40
CA ILE A 516 -1.06 0.57 -12.14
C ILE A 516 -2.44 1.20 -12.07
N ASP A 517 -3.47 0.36 -12.09
CA ASP A 517 -4.84 0.89 -12.11
C ASP A 517 -5.35 1.43 -10.75
N GLN A 518 -4.77 1.00 -9.63
CA GLN A 518 -4.99 1.64 -8.35
C GLN A 518 -3.82 2.58 -8.06
N GLY A 519 -3.29 2.53 -6.85
CA GLY A 519 -2.26 3.48 -6.43
C GLY A 519 -1.06 2.85 -5.81
N GLN A 520 -0.29 3.69 -5.12
CA GLN A 520 0.95 3.27 -4.56
C GLN A 520 1.21 3.97 -3.22
N SER A 521 1.56 3.18 -2.20
CA SER A 521 1.93 3.75 -0.87
C SER A 521 3.34 4.24 -0.92
N ILE A 522 3.49 5.55 -0.99
CA ILE A 522 4.78 6.16 -1.20
C ILE A 522 5.14 6.98 0.03
N ASN A 523 6.14 6.49 0.72
CA ASN A 523 6.81 7.21 1.82
C ASN A 523 8.00 8.00 1.30
N ILE A 524 8.35 9.08 1.98
CA ILE A 524 9.59 9.80 1.71
C ILE A 524 10.28 10.03 3.06
N MET A 525 11.57 10.31 2.99
CA MET A 525 12.38 10.53 4.17
C MET A 525 13.14 11.83 3.97
N VAL A 526 12.99 12.73 4.94
CA VAL A 526 13.42 14.11 4.80
C VAL A 526 14.15 14.54 6.08
N HIS A 527 15.30 15.18 5.90
CA HIS A 527 16.10 15.71 7.01
C HIS A 527 15.31 16.83 7.72
N PRO A 528 15.28 16.86 9.07
CA PRO A 528 14.52 17.93 9.77
C PRO A 528 15.00 19.38 9.47
N ALA A 529 16.27 19.53 9.08
CA ALA A 529 16.81 20.81 8.62
C ALA A 529 16.29 21.29 7.27
N THR A 530 15.51 20.46 6.56
CA THR A 530 14.99 20.81 5.22
C THR A 530 14.07 22.03 5.25
N PRO A 531 14.39 23.07 4.46
CA PRO A 531 13.50 24.24 4.35
C PRO A 531 12.10 23.86 3.85
N ALA A 532 11.07 24.47 4.45
CA ALA A 532 9.67 24.23 4.06
C ALA A 532 9.47 24.42 2.58
N ARG A 533 10.13 25.42 2.02
CA ARG A 533 10.20 25.70 0.58
C ARG A 533 10.49 24.46 -0.29
N ASP A 534 11.42 23.62 0.17
CA ASP A 534 11.86 22.44 -0.58
C ASP A 534 10.83 21.31 -0.48
N LEU A 535 10.26 21.10 0.71
CA LEU A 535 9.15 20.15 0.87
C LEU A 535 7.95 20.56 0.03
N ASN A 536 7.64 21.86 0.07
CA ASN A 536 6.56 22.42 -0.71
C ASN A 536 6.71 22.00 -2.18
N GLN A 537 7.88 22.28 -2.77
CA GLN A 537 8.09 21.95 -4.18
C GLN A 537 7.98 20.44 -4.44
N LEU A 538 8.49 19.60 -3.52
CA LEU A 538 8.43 18.16 -3.73
C LEU A 538 6.99 17.67 -3.81
N TYR A 539 6.13 18.06 -2.86
CA TYR A 539 4.72 17.69 -2.91
C TYR A 539 3.96 18.25 -4.12
N LEU A 540 4.26 19.48 -4.49
CA LEU A 540 3.66 20.07 -5.68
C LEU A 540 4.08 19.30 -6.95
N THR A 541 5.34 18.92 -7.01
CA THR A 541 5.83 18.08 -8.11
C THR A 541 5.11 16.73 -8.13
N ALA A 542 4.89 16.14 -6.96
CA ALA A 542 4.14 14.88 -6.85
C ALA A 542 2.79 14.99 -7.52
N GLU A 543 2.03 16.04 -7.18
CA GLU A 543 0.73 16.26 -7.82
C GLU A 543 0.87 16.53 -9.31
N GLU A 544 1.82 17.38 -9.68
CA GLU A 544 2.04 17.70 -11.11
C GLU A 544 2.35 16.47 -11.96
N LEU A 545 3.13 15.56 -11.40
CA LEU A 545 3.52 14.33 -12.12
C LEU A 545 2.44 13.24 -12.14
N GLY A 546 1.33 13.42 -11.44
CA GLY A 546 0.18 12.52 -11.50
C GLY A 546 0.07 11.52 -10.37
N LEU A 547 0.88 11.64 -9.31
CA LEU A 547 0.78 10.74 -8.14
C LEU A 547 -0.60 10.90 -7.54
N LYS A 548 -1.19 9.78 -7.15
CA LYS A 548 -2.56 9.82 -6.59
C LYS A 548 -2.55 10.01 -5.07
N SER A 549 -1.41 9.73 -4.43
CA SER A 549 -1.30 9.86 -2.98
C SER A 549 0.14 9.98 -2.52
N ILE A 550 0.32 10.45 -1.30
CA ILE A 550 1.55 10.35 -0.55
C ILE A 550 1.17 9.79 0.82
N TYR A 551 2.01 8.91 1.37
CA TYR A 551 1.78 8.24 2.64
C TYR A 551 2.48 9.02 3.78
N TYR A 552 3.49 8.46 4.44
CA TYR A 552 4.20 9.13 5.56
C TYR A 552 5.39 9.96 5.10
N GLN A 553 5.65 11.06 5.81
CA GLN A 553 6.90 11.77 5.67
C GLN A 553 7.68 11.39 6.91
N TYR A 554 8.69 10.56 6.71
CA TYR A 554 9.59 10.16 7.79
C TYR A 554 10.66 11.22 8.00
N SER A 555 11.22 11.20 9.19
CA SER A 555 12.33 12.07 9.54
C SER A 555 13.59 11.22 9.69
N MET A 556 14.72 11.88 9.92
CA MET A 556 15.99 11.23 10.28
C MET A 556 16.64 12.06 11.40
N SER A 557 17.76 11.56 11.96
CA SER A 557 18.52 12.29 13.02
C SER A 557 19.42 13.36 12.41
N ALA A 558 19.63 14.47 13.15
CA ALA A 558 20.35 15.65 12.61
C ALA A 558 21.86 15.46 12.49
N ASN A 565 19.90 19.01 -2.09
CA ASN A 565 19.79 18.46 -3.45
C ASN A 565 18.98 17.16 -3.59
N LEU A 566 18.77 16.44 -2.47
CA LEU A 566 18.01 15.17 -2.50
C LEU A 566 16.51 15.35 -2.81
N LEU A 567 15.98 16.55 -2.56
CA LEU A 567 14.58 16.88 -2.90
C LEU A 567 14.38 17.52 -4.28
N SER A 568 15.42 18.15 -4.83
CA SER A 568 15.32 18.92 -6.09
C SER A 568 16.12 18.37 -7.30
N CYS A 569 16.86 17.26 -7.11
CA CYS A 569 17.68 16.63 -8.17
C CYS A 569 17.57 15.11 -8.12
N SER A 570 17.72 14.47 -9.30
CA SER A 570 17.71 13.01 -9.44
C SER A 570 18.75 12.58 -10.48
CL CL B . -8.81 0.54 4.80
CL CL C . -12.49 -0.48 -18.01
MG MG D . -16.90 14.93 -4.02
MG MG E . -10.75 -31.23 -4.37
C1 EDO F . -13.80 -19.08 -8.40
O1 EDO F . -13.91 -18.78 -7.00
C2 EDO F . -13.07 -18.00 -9.16
O2 EDO F . -13.54 -16.71 -8.80
C1 EDO G . -10.08 26.90 1.33
O1 EDO G . -10.63 26.70 0.02
C2 EDO G . -10.37 25.62 2.10
O2 EDO G . -10.11 25.52 3.51
C1 EDO H . -26.20 15.20 11.26
O1 EDO H . -27.18 15.82 10.42
C2 EDO H . -25.04 14.78 10.36
O2 EDO H . -24.46 15.95 9.75
C1 EDO I . -8.62 22.84 17.47
O1 EDO I . -8.65 23.03 16.05
C2 EDO I . -9.24 24.06 18.12
O2 EDO I . -10.65 23.98 17.93
C1 GOL J . -14.06 7.71 -21.72
O1 GOL J . -13.87 7.75 -20.31
C2 GOL J . -14.81 6.42 -22.07
O2 GOL J . -16.21 6.71 -21.97
C3 GOL J . -14.39 5.93 -23.45
O3 GOL J . -15.41 5.13 -24.06
#